data_4MP7
#
_entry.id   4MP7
#
_cell.length_a   110.007
_cell.length_b   110.007
_cell.length_c   227.744
_cell.angle_alpha   90.00
_cell.angle_beta   90.00
_cell.angle_gamma   90.00
#
_symmetry.space_group_name_H-M   'I 41 2 2'
#
loop_
_entity.id
_entity.type
_entity.pdbx_description
1 polymer '[Pyruvate dehydrogenase [lipoamide]] kinase isozyme 2, mitochondrial'
2 non-polymer 4-(1,3-dihydro-2H-isoindol-2-ylcarbonyl)benzene-1,3-diol
3 non-polymer 'L(+)-TARTARIC ACID'
4 water water
#
_entity_poly.entity_id   1
_entity_poly.type   'polypeptide(L)'
_entity_poly.pdbx_seq_one_letter_code
;SKNASLAGAPKYIEHFSKFSPSPLSMKQFLDFGSSNACEKTSFTFLRQELPVRLANIMKEINLLPDRVLSTPSVQLVQSW
YVQSLLDIMEFLDKDPEDHRTLSQFTDALVTIRNRHNDVVPTMAQGVLEYKDTYGDDPVSNQNIQYFLDRFYLSRISIRM
LINQHTLIFDGSTNPAHPKHIGSIDPNCNVSEVVKDAYDMAKLLCDKYYMASPDLEIQEINAANSKQPIHMVYVPSHLYH
MLFELFKNAMRATVESHESSLILPPIKVMVALGEEDLSIKMSDRGGGVPLRKIERLFSYMYSTAPTPQPGTGGTPLAGFG
YGLPISRLYAKYFQGDLQLFSMEGFGTDAVIYLKALSTDSVERLPVYNKSAWRHYQTIQEAGDWCVPSTEPKNTSTYRVS
;
_entity_poly.pdbx_strand_id   A
#
# COMPACT_ATOMS: atom_id res chain seq x y z
N SER A 5 -0.24 24.57 -25.03
CA SER A 5 1.19 24.86 -24.93
C SER A 5 1.99 23.62 -24.52
N LEU A 6 1.30 22.59 -24.05
CA LEU A 6 1.95 21.32 -23.79
C LEU A 6 1.74 20.40 -25.00
N ALA A 7 2.61 19.40 -25.15
CA ALA A 7 2.39 18.36 -26.14
C ALA A 7 1.20 17.51 -25.69
N GLY A 8 0.64 16.73 -26.60
CA GLY A 8 -0.39 15.77 -26.25
C GLY A 8 0.14 14.74 -25.26
N ALA A 9 -0.71 14.30 -24.35
CA ALA A 9 -0.27 13.40 -23.29
C ALA A 9 0.47 12.14 -23.77
N PRO A 10 -0.01 11.49 -24.85
CA PRO A 10 0.67 10.27 -25.31
C PRO A 10 2.16 10.48 -25.60
N LYS A 11 2.54 11.65 -26.10
CA LYS A 11 3.95 11.88 -26.39
C LYS A 11 4.74 11.84 -25.09
N TYR A 12 4.20 12.44 -24.04
CA TYR A 12 4.88 12.43 -22.75
C TYR A 12 4.88 11.02 -22.15
N ILE A 13 3.75 10.31 -22.31
CA ILE A 13 3.66 8.98 -21.72
C ILE A 13 4.70 8.06 -22.35
N GLU A 14 4.81 8.09 -23.67
CA GLU A 14 5.78 7.26 -24.38
C GLU A 14 7.21 7.62 -23.97
N HIS A 15 7.49 8.91 -23.83
CA HIS A 15 8.82 9.35 -23.45
C HIS A 15 9.21 8.83 -22.07
N PHE A 16 8.37 9.09 -21.08
CA PHE A 16 8.73 8.76 -19.71
C PHE A 16 8.61 7.28 -19.38
N SER A 17 7.85 6.55 -20.18
CA SER A 17 7.64 5.14 -19.87
C SER A 17 8.87 4.32 -20.25
N LYS A 18 9.79 4.92 -20.99
CA LYS A 18 11.02 4.25 -21.38
C LYS A 18 11.98 4.11 -20.20
N PHE A 19 11.80 4.97 -19.20
CA PHE A 19 12.67 4.93 -18.01
C PHE A 19 12.11 3.98 -16.98
N SER A 20 13.00 3.45 -16.13
CA SER A 20 12.56 2.66 -15.00
CA SER A 20 12.57 2.66 -14.99
C SER A 20 12.41 3.56 -13.79
N PRO A 21 11.37 3.34 -12.98
CA PRO A 21 11.31 4.06 -11.71
C PRO A 21 12.60 3.84 -10.92
N SER A 22 12.97 4.80 -10.07
CA SER A 22 14.20 4.69 -9.29
C SER A 22 13.83 4.51 -7.83
N PRO A 23 13.98 3.28 -7.31
CA PRO A 23 13.59 2.99 -5.93
C PRO A 23 14.54 3.65 -4.92
N LEU A 24 13.98 4.23 -3.87
CA LEU A 24 14.76 4.86 -2.82
C LEU A 24 14.68 3.99 -1.56
N SER A 25 15.74 4.00 -0.76
CA SER A 25 15.71 3.28 0.50
C SER A 25 15.18 4.20 1.59
N MET A 26 14.65 3.61 2.65
CA MET A 26 14.16 4.37 3.78
C MET A 26 15.29 5.25 4.29
N LYS A 27 16.50 4.71 4.23
CA LYS A 27 17.69 5.44 4.63
C LYS A 27 17.86 6.71 3.80
N GLN A 28 17.66 6.59 2.49
CA GLN A 28 17.81 7.74 1.59
C GLN A 28 16.74 8.79 1.83
N PHE A 29 15.50 8.36 2.01
CA PHE A 29 14.43 9.28 2.34
C PHE A 29 14.82 10.07 3.58
N LEU A 30 15.32 9.33 4.57
CA LEU A 30 15.58 9.87 5.90
C LEU A 30 16.70 10.88 5.86
N ASP A 31 17.70 10.63 5.02
CA ASP A 31 18.89 11.46 4.97
C ASP A 31 18.68 12.73 4.16
N PHE A 32 17.45 12.99 3.74
CA PHE A 32 17.14 14.16 2.93
C PHE A 32 16.75 15.37 3.78
N GLY A 33 17.47 16.48 3.60
CA GLY A 33 17.31 17.67 4.42
C GLY A 33 16.27 18.67 3.93
N SER A 34 16.13 19.77 4.67
CA SER A 34 15.04 20.71 4.46
C SER A 34 15.47 22.10 3.96
N SER A 35 16.67 22.19 3.37
CA SER A 35 17.18 23.48 2.91
C SER A 35 16.72 23.79 1.49
N ASN A 36 16.89 25.04 1.08
CA ASN A 36 16.58 25.46 -0.29
C ASN A 36 17.39 24.65 -1.29
N ALA A 37 18.63 24.35 -0.92
CA ALA A 37 19.50 23.51 -1.74
C ALA A 37 18.87 22.13 -1.86
N CYS A 38 18.35 21.63 -0.74
CA CYS A 38 17.67 20.35 -0.72
C CYS A 38 16.33 20.44 -1.44
N GLU A 39 15.64 21.57 -1.32
CA GLU A 39 14.35 21.72 -1.97
C GLU A 39 14.51 21.75 -3.47
N LYS A 40 15.54 22.41 -3.95
CA LYS A 40 15.84 22.45 -5.38
C LYS A 40 16.17 21.03 -5.89
N THR A 41 16.92 20.28 -5.09
CA THR A 41 17.25 18.91 -5.45
C THR A 41 16.00 18.06 -5.51
N SER A 42 15.12 18.22 -4.53
CA SER A 42 13.86 17.49 -4.52
C SER A 42 13.05 17.83 -5.76
N PHE A 43 12.98 19.12 -6.07
CA PHE A 43 12.28 19.57 -7.27
C PHE A 43 12.84 18.92 -8.54
N THR A 44 14.15 19.04 -8.75
CA THR A 44 14.73 18.52 -9.98
C THR A 44 14.61 17.00 -10.05
N PHE A 45 14.64 16.34 -8.89
CA PHE A 45 14.43 14.89 -8.85
C PHE A 45 12.99 14.53 -9.21
N LEU A 46 12.04 15.17 -8.54
CA LEU A 46 10.63 14.80 -8.70
C LEU A 46 10.05 15.19 -10.06
N ARG A 47 10.57 16.23 -10.69
CA ARG A 47 10.02 16.60 -12.00
C ARG A 47 10.42 15.60 -13.09
N GLN A 48 11.35 14.70 -12.77
CA GLN A 48 11.67 13.58 -13.64
C GLN A 48 11.05 12.28 -13.10
N GLU A 49 11.23 12.04 -11.81
CA GLU A 49 10.78 10.78 -11.22
C GLU A 49 9.26 10.60 -11.19
N LEU A 50 8.53 11.65 -10.87
CA LEU A 50 7.08 11.50 -10.83
C LEU A 50 6.50 11.21 -12.23
N PRO A 51 6.94 11.94 -13.26
CA PRO A 51 6.51 11.58 -14.61
C PRO A 51 6.91 10.14 -15.00
N VAL A 52 8.10 9.70 -14.61
CA VAL A 52 8.50 8.33 -14.88
C VAL A 52 7.51 7.36 -14.22
N ARG A 53 7.20 7.58 -12.94
CA ARG A 53 6.30 6.67 -12.23
C ARG A 53 4.88 6.75 -12.77
N LEU A 54 4.42 7.96 -13.10
CA LEU A 54 3.09 8.10 -13.69
C LEU A 54 3.03 7.40 -15.05
N ALA A 55 4.01 7.66 -15.91
CA ALA A 55 3.96 7.07 -17.25
C ALA A 55 4.02 5.55 -17.21
N ASN A 56 4.83 5.00 -16.31
CA ASN A 56 5.03 3.55 -16.29
C ASN A 56 3.71 2.84 -16.01
N ILE A 57 2.98 3.36 -15.03
CA ILE A 57 1.74 2.70 -14.68
C ILE A 57 0.63 2.99 -15.69
N MET A 58 0.64 4.18 -16.28
CA MET A 58 -0.35 4.49 -17.31
C MET A 58 -0.22 3.54 -18.51
N LYS A 59 1.00 3.15 -18.84
CA LYS A 59 1.24 2.23 -19.95
C LYS A 59 0.63 0.87 -19.64
N GLU A 60 0.67 0.47 -18.38
CA GLU A 60 0.13 -0.81 -18.00
C GLU A 60 -1.40 -0.82 -17.96
N ILE A 61 -1.97 0.34 -17.62
CA ILE A 61 -3.42 0.46 -17.65
C ILE A 61 -3.88 0.02 -19.03
N ASN A 62 -3.12 0.39 -20.05
CA ASN A 62 -3.57 0.13 -21.41
C ASN A 62 -3.50 -1.33 -21.80
N LEU A 63 -2.91 -2.15 -20.92
CA LEU A 63 -2.79 -3.58 -21.17
C LEU A 63 -3.98 -4.34 -20.59
N LEU A 64 -4.82 -3.65 -19.83
CA LEU A 64 -6.03 -4.25 -19.26
C LEU A 64 -6.93 -4.72 -20.39
N PRO A 65 -7.79 -5.71 -20.10
CA PRO A 65 -8.79 -6.15 -21.08
C PRO A 65 -9.60 -4.96 -21.56
N ASP A 66 -9.97 -4.95 -22.84
CA ASP A 66 -10.84 -3.91 -23.36
C ASP A 66 -12.04 -3.73 -22.45
N ARG A 67 -12.58 -4.84 -21.96
CA ARG A 67 -13.78 -4.81 -21.13
C ARG A 67 -13.60 -3.91 -19.90
N VAL A 68 -12.46 -4.04 -19.25
CA VAL A 68 -12.16 -3.27 -18.04
C VAL A 68 -11.84 -1.82 -18.38
N LEU A 69 -11.02 -1.62 -19.41
CA LEU A 69 -10.66 -0.28 -19.85
C LEU A 69 -11.86 0.51 -20.33
N SER A 70 -12.88 -0.19 -20.83
CA SER A 70 -14.05 0.48 -21.37
C SER A 70 -14.97 1.07 -20.29
N THR A 71 -14.74 0.70 -19.03
CA THR A 71 -15.60 1.17 -17.93
C THR A 71 -15.39 2.65 -17.61
N PRO A 72 -16.48 3.37 -17.27
CA PRO A 72 -16.34 4.81 -17.03
C PRO A 72 -15.39 5.12 -15.87
N SER A 73 -15.39 4.30 -14.81
CA SER A 73 -14.56 4.63 -13.65
C SER A 73 -13.07 4.44 -13.92
N VAL A 74 -12.73 3.41 -14.69
CA VAL A 74 -11.34 3.25 -15.09
C VAL A 74 -10.93 4.41 -16.01
N GLN A 75 -11.79 4.77 -16.95
CA GLN A 75 -11.50 5.92 -17.83
C GLN A 75 -11.32 7.20 -17.00
N LEU A 76 -12.12 7.35 -15.95
CA LEU A 76 -11.99 8.53 -15.10
C LEU A 76 -10.62 8.57 -14.40
N VAL A 77 -10.23 7.45 -13.79
CA VAL A 77 -8.92 7.38 -13.14
C VAL A 77 -7.80 7.66 -14.16
N GLN A 78 -7.90 7.07 -15.34
CA GLN A 78 -6.91 7.38 -16.38
C GLN A 78 -6.81 8.87 -16.64
N SER A 79 -7.97 9.54 -16.70
CA SER A 79 -7.97 10.97 -17.01
C SER A 79 -7.29 11.78 -15.89
N TRP A 80 -7.41 11.33 -14.65
CA TRP A 80 -6.71 11.99 -13.54
C TRP A 80 -5.20 11.85 -13.72
N TYR A 81 -4.76 10.65 -14.05
CA TYR A 81 -3.33 10.42 -14.25
C TYR A 81 -2.79 11.29 -15.37
N VAL A 82 -3.55 11.39 -16.47
CA VAL A 82 -3.14 12.23 -17.60
C VAL A 82 -2.97 13.68 -17.15
N GLN A 83 -3.95 14.19 -16.41
CA GLN A 83 -3.88 15.59 -16.01
C GLN A 83 -2.73 15.83 -15.03
N SER A 84 -2.49 14.87 -14.14
CA SER A 84 -1.40 15.01 -13.19
C SER A 84 -0.05 15.00 -13.89
N LEU A 85 0.09 14.14 -14.90
CA LEU A 85 1.31 14.13 -15.70
C LEU A 85 1.51 15.48 -16.38
N LEU A 86 0.47 15.98 -17.03
CA LEU A 86 0.55 17.28 -17.71
C LEU A 86 0.85 18.42 -16.73
N ASP A 87 0.25 18.36 -15.55
CA ASP A 87 0.54 19.36 -14.50
C ASP A 87 2.05 19.44 -14.24
N ILE A 88 2.71 18.29 -14.21
CA ILE A 88 4.16 18.27 -13.98
C ILE A 88 4.96 18.69 -15.22
N MET A 89 4.44 18.39 -16.41
CA MET A 89 5.13 18.81 -17.62
C MET A 89 5.28 20.33 -17.69
N GLU A 90 4.38 21.05 -17.03
CA GLU A 90 4.45 22.51 -17.04
C GLU A 90 5.72 22.99 -16.36
N PHE A 91 6.37 22.10 -15.61
CA PHE A 91 7.58 22.47 -14.86
C PHE A 91 8.90 22.09 -15.54
N LEU A 92 8.83 21.45 -16.70
CA LEU A 92 10.03 20.97 -17.37
C LEU A 92 11.04 22.07 -17.68
N ASP A 93 10.56 23.25 -18.03
CA ASP A 93 11.45 24.31 -18.47
C ASP A 93 11.58 25.42 -17.44
N LYS A 94 11.14 25.15 -16.22
CA LYS A 94 11.18 26.15 -15.16
C LYS A 94 12.50 26.13 -14.38
N ASP A 95 12.89 27.30 -13.89
CA ASP A 95 14.16 27.46 -13.20
C ASP A 95 14.03 27.16 -11.71
N PRO A 96 14.80 26.17 -11.23
CA PRO A 96 14.75 25.78 -9.81
C PRO A 96 15.28 26.88 -8.90
N GLU A 97 16.11 27.77 -9.45
CA GLU A 97 16.69 28.87 -8.71
C GLU A 97 15.63 29.89 -8.33
N ASP A 98 14.51 29.84 -9.04
CA ASP A 98 13.42 30.77 -8.81
C ASP A 98 12.50 30.21 -7.73
N HIS A 99 12.41 30.92 -6.61
CA HIS A 99 11.62 30.44 -5.47
C HIS A 99 10.15 30.21 -5.85
N ARG A 100 9.67 30.96 -6.83
CA ARG A 100 8.28 30.87 -7.26
C ARG A 100 8.03 29.53 -7.96
N THR A 101 9.03 29.04 -8.67
CA THR A 101 8.97 27.72 -9.26
C THR A 101 8.73 26.69 -8.17
N LEU A 102 9.52 26.80 -7.09
CA LEU A 102 9.45 25.83 -6.01
C LEU A 102 8.12 25.87 -5.27
N SER A 103 7.60 27.06 -5.01
CA SER A 103 6.34 27.16 -4.29
C SER A 103 5.19 26.70 -5.17
N GLN A 104 5.25 27.04 -6.45
CA GLN A 104 4.24 26.60 -7.40
C GLN A 104 4.24 25.09 -7.53
N PHE A 105 5.43 24.50 -7.50
CA PHE A 105 5.57 23.06 -7.62
C PHE A 105 4.91 22.35 -6.44
N THR A 106 5.16 22.85 -5.23
CA THR A 106 4.54 22.25 -4.06
C THR A 106 3.01 22.35 -4.16
N ASP A 107 2.52 23.49 -4.62
CA ASP A 107 1.08 23.67 -4.83
C ASP A 107 0.53 22.65 -5.83
N ALA A 108 1.27 22.41 -6.91
CA ALA A 108 0.82 21.44 -7.91
C ALA A 108 0.81 20.02 -7.36
N LEU A 109 1.77 19.69 -6.51
CA LEU A 109 1.80 18.35 -5.92
C LEU A 109 0.61 18.13 -4.99
N VAL A 110 0.25 19.17 -4.24
CA VAL A 110 -0.93 19.12 -3.37
C VAL A 110 -2.20 18.92 -4.19
N THR A 111 -2.31 19.65 -5.28
CA THR A 111 -3.44 19.52 -6.19
C THR A 111 -3.54 18.11 -6.76
N ILE A 112 -2.41 17.54 -7.14
CA ILE A 112 -2.39 16.15 -7.64
C ILE A 112 -2.83 15.17 -6.55
N ARG A 113 -2.29 15.33 -5.34
CA ARG A 113 -2.67 14.42 -4.27
C ARG A 113 -4.18 14.47 -4.04
N ASN A 114 -4.75 15.68 -4.01
CA ASN A 114 -6.18 15.84 -3.81
C ASN A 114 -7.00 15.24 -4.95
N ARG A 115 -6.56 15.49 -6.18
CA ARG A 115 -7.23 14.92 -7.33
C ARG A 115 -7.34 13.40 -7.23
N HIS A 116 -6.31 12.76 -6.69
CA HIS A 116 -6.23 11.30 -6.70
C HIS A 116 -6.73 10.66 -5.41
N ASN A 117 -7.32 11.48 -4.55
CA ASN A 117 -7.71 11.01 -3.23
C ASN A 117 -8.59 9.77 -3.25
N ASP A 118 -9.52 9.73 -4.20
CA ASP A 118 -10.51 8.66 -4.25
C ASP A 118 -10.19 7.58 -5.27
N VAL A 119 -8.92 7.47 -5.64
CA VAL A 119 -8.51 6.47 -6.64
C VAL A 119 -8.89 5.03 -6.26
N VAL A 120 -8.69 4.66 -4.99
CA VAL A 120 -8.93 3.27 -4.64
C VAL A 120 -10.39 2.83 -4.85
N PRO A 121 -11.35 3.56 -4.26
CA PRO A 121 -12.75 3.16 -4.47
C PRO A 121 -13.26 3.41 -5.90
N THR A 122 -12.62 4.34 -6.60
CA THR A 122 -13.02 4.60 -7.98
C THR A 122 -12.63 3.41 -8.88
N MET A 123 -11.42 2.91 -8.71
CA MET A 123 -11.01 1.70 -9.42
C MET A 123 -11.89 0.51 -9.03
N ALA A 124 -12.27 0.43 -7.77
CA ALA A 124 -13.15 -0.65 -7.34
C ALA A 124 -14.50 -0.57 -8.05
N GLN A 125 -15.01 0.63 -8.25
CA GLN A 125 -16.22 0.81 -9.02
C GLN A 125 -16.02 0.37 -10.47
N GLY A 126 -14.83 0.61 -11.01
CA GLY A 126 -14.51 0.11 -12.34
C GLY A 126 -14.59 -1.40 -12.42
N VAL A 127 -14.09 -2.08 -11.40
CA VAL A 127 -14.13 -3.54 -11.38
C VAL A 127 -15.58 -4.01 -11.31
N LEU A 128 -16.38 -3.32 -10.52
CA LEU A 128 -17.81 -3.62 -10.43
C LEU A 128 -18.53 -3.40 -11.76
N GLU A 129 -18.20 -2.29 -12.43
CA GLU A 129 -18.79 -1.99 -13.72
C GLU A 129 -18.47 -3.08 -14.74
N TYR A 130 -17.23 -3.57 -14.72
CA TYR A 130 -16.84 -4.65 -15.62
C TYR A 130 -17.67 -5.91 -15.35
N LYS A 131 -17.79 -6.28 -14.08
CA LYS A 131 -18.58 -7.46 -13.71
C LYS A 131 -20.05 -7.31 -14.08
N ASP A 132 -20.62 -6.13 -13.81
CA ASP A 132 -22.02 -5.89 -14.12
C ASP A 132 -22.29 -5.86 -15.62
N THR A 133 -21.41 -5.21 -16.37
CA THR A 133 -21.64 -4.99 -17.78
C THR A 133 -21.45 -6.27 -18.60
N TYR A 134 -20.39 -7.04 -18.27
CA TYR A 134 -19.99 -8.15 -19.14
C TYR A 134 -20.11 -9.50 -18.47
N GLY A 135 -20.14 -9.51 -17.14
CA GLY A 135 -19.96 -10.73 -16.37
C GLY A 135 -18.46 -10.95 -16.25
N ASP A 136 -18.00 -11.50 -15.14
CA ASP A 136 -16.57 -11.72 -15.00
C ASP A 136 -16.14 -13.04 -15.63
N ASP A 137 -14.89 -13.09 -16.04
CA ASP A 137 -14.28 -14.30 -16.59
C ASP A 137 -12.90 -14.44 -15.96
N PRO A 138 -12.42 -15.68 -15.82
CA PRO A 138 -11.21 -15.96 -15.04
C PRO A 138 -9.94 -15.35 -15.62
N VAL A 139 -9.85 -15.27 -16.95
CA VAL A 139 -8.68 -14.64 -17.57
C VAL A 139 -8.62 -13.16 -17.22
N SER A 140 -9.72 -12.44 -17.47
CA SER A 140 -9.80 -11.03 -17.10
C SER A 140 -9.54 -10.87 -15.60
N ASN A 141 -10.11 -11.76 -14.79
CA ASN A 141 -9.94 -11.68 -13.35
C ASN A 141 -8.48 -11.77 -12.92
N GLN A 142 -7.75 -12.72 -13.50
CA GLN A 142 -6.32 -12.84 -13.22
C GLN A 142 -5.55 -11.60 -13.64
N ASN A 143 -5.87 -11.06 -14.82
CA ASN A 143 -5.23 -9.83 -15.27
C ASN A 143 -5.51 -8.66 -14.31
N ILE A 144 -6.75 -8.56 -13.86
CA ILE A 144 -7.13 -7.50 -12.92
C ILE A 144 -6.36 -7.61 -11.60
N GLN A 145 -6.28 -8.82 -11.08
CA GLN A 145 -5.55 -9.06 -9.84
C GLN A 145 -4.10 -8.63 -9.96
N TYR A 146 -3.42 -9.10 -11.01
CA TYR A 146 -2.02 -8.75 -11.26
C TYR A 146 -1.86 -7.24 -11.40
N PHE A 147 -2.72 -6.64 -12.23
CA PHE A 147 -2.68 -5.21 -12.46
C PHE A 147 -2.92 -4.38 -11.19
N LEU A 148 -3.96 -4.70 -10.45
CA LEU A 148 -4.31 -3.88 -9.30
C LEU A 148 -3.22 -3.90 -8.22
N ASP A 149 -2.60 -5.06 -8.00
CA ASP A 149 -1.50 -5.11 -7.04
C ASP A 149 -0.45 -4.08 -7.46
N ARG A 150 -0.13 -4.08 -8.76
CA ARG A 150 0.93 -3.21 -9.24
C ARG A 150 0.48 -1.75 -9.27
N PHE A 151 -0.75 -1.52 -9.73
CA PHE A 151 -1.32 -0.18 -9.75
C PHE A 151 -1.38 0.44 -8.35
N TYR A 152 -1.87 -0.30 -7.38
CA TYR A 152 -1.98 0.27 -6.05
C TYR A 152 -0.61 0.44 -5.36
N LEU A 153 0.33 -0.44 -5.64
CA LEU A 153 1.67 -0.29 -5.09
C LEU A 153 2.34 0.94 -5.72
N SER A 154 2.16 1.09 -7.02
CA SER A 154 2.67 2.28 -7.70
C SER A 154 2.12 3.56 -7.05
N ARG A 155 0.82 3.56 -6.80
CA ARG A 155 0.16 4.71 -6.19
CA ARG A 155 0.16 4.71 -6.19
C ARG A 155 0.71 5.01 -4.80
N ILE A 156 0.87 3.96 -4.00
CA ILE A 156 1.49 4.15 -2.67
C ILE A 156 2.86 4.84 -2.81
N SER A 157 3.63 4.45 -3.82
CA SER A 157 4.97 5.02 -3.97
C SER A 157 4.93 6.48 -4.42
N ILE A 158 3.93 6.83 -5.23
CA ILE A 158 3.80 8.20 -5.72
C ILE A 158 3.36 9.08 -4.57
N ARG A 159 2.43 8.55 -3.76
CA ARG A 159 1.94 9.29 -2.60
C ARG A 159 3.07 9.51 -1.61
N MET A 160 3.93 8.51 -1.44
CA MET A 160 5.09 8.65 -0.55
C MET A 160 6.00 9.80 -1.03
N LEU A 161 6.31 9.82 -2.33
CA LEU A 161 7.18 10.88 -2.85
C LEU A 161 6.55 12.26 -2.61
N ILE A 162 5.26 12.38 -2.91
CA ILE A 162 4.56 13.66 -2.77
C ILE A 162 4.48 14.10 -1.30
N ASN A 163 4.10 13.19 -0.41
CA ASN A 163 4.00 13.50 1.01
C ASN A 163 5.33 13.94 1.59
N GLN A 164 6.41 13.24 1.21
CA GLN A 164 7.74 13.61 1.69
C GLN A 164 8.08 15.03 1.30
N HIS A 165 7.80 15.38 0.05
CA HIS A 165 8.15 16.71 -0.42
C HIS A 165 7.29 17.78 0.25
N THR A 166 5.98 17.56 0.32
CA THR A 166 5.10 18.62 0.84
C THR A 166 5.27 18.76 2.35
N LEU A 167 5.53 17.65 3.03
CA LEU A 167 5.71 17.69 4.49
C LEU A 167 7.02 18.36 4.86
N ILE A 168 8.08 18.01 4.16
CA ILE A 168 9.41 18.55 4.47
C ILE A 168 9.51 20.02 4.09
N PHE A 169 8.98 20.37 2.92
CA PHE A 169 9.10 21.72 2.40
C PHE A 169 7.81 22.54 2.52
N ASP A 170 6.95 22.13 3.44
CA ASP A 170 5.79 22.93 3.83
C ASP A 170 5.05 22.31 5.01
N PRO A 175 3.07 21.43 13.55
CA PRO A 175 3.55 20.10 13.21
C PRO A 175 3.70 19.20 14.45
N ALA A 176 2.93 18.13 14.50
CA ALA A 176 2.84 17.29 15.69
C ALA A 176 4.17 16.68 16.10
N HIS A 177 4.91 16.15 15.13
CA HIS A 177 6.16 15.46 15.42
C HIS A 177 7.33 16.04 14.60
N PRO A 178 8.03 17.02 15.16
CA PRO A 178 9.16 17.69 14.52
C PRO A 178 10.37 16.77 14.36
N LYS A 179 10.33 15.63 15.03
CA LYS A 179 11.40 14.62 14.93
C LYS A 179 11.21 13.75 13.69
N HIS A 180 9.99 13.72 13.16
CA HIS A 180 9.72 12.99 11.92
C HIS A 180 10.40 13.68 10.73
N ILE A 181 10.80 12.89 9.75
CA ILE A 181 11.31 13.42 8.50
C ILE A 181 10.23 13.20 7.45
N GLY A 182 9.43 14.22 7.20
CA GLY A 182 8.23 14.06 6.42
C GLY A 182 7.32 13.12 7.18
N SER A 183 7.00 11.99 6.57
CA SER A 183 6.09 11.01 7.17
C SER A 183 6.83 9.89 7.88
N ILE A 184 8.16 10.01 7.95
CA ILE A 184 8.98 8.93 8.50
C ILE A 184 9.35 9.21 9.94
N ASP A 185 9.17 8.21 10.79
CA ASP A 185 9.61 8.30 12.18
C ASP A 185 10.89 7.47 12.33
N PRO A 186 12.02 8.13 12.61
CA PRO A 186 13.29 7.41 12.71
C PRO A 186 13.36 6.54 13.98
N ASN A 187 12.41 6.75 14.88
CA ASN A 187 12.37 5.99 16.13
CA ASN A 187 12.36 5.97 16.11
C ASN A 187 10.95 5.53 16.45
N CYS A 188 10.32 4.88 15.47
CA CYS A 188 8.97 4.39 15.63
C CYS A 188 8.91 3.26 16.66
N ASN A 189 8.19 3.48 17.76
CA ASN A 189 8.00 2.43 18.75
C ASN A 189 6.86 1.54 18.30
N VAL A 190 7.20 0.31 17.89
CA VAL A 190 6.23 -0.56 17.25
C VAL A 190 5.03 -0.86 18.15
N SER A 191 5.30 -1.17 19.42
CA SER A 191 4.21 -1.52 20.32
C SER A 191 3.23 -0.36 20.53
N GLU A 192 3.74 0.87 20.48
CA GLU A 192 2.84 2.01 20.64
C GLU A 192 1.89 2.09 19.45
N VAL A 193 2.38 1.76 18.25
CA VAL A 193 1.53 1.78 17.05
C VAL A 193 0.52 0.63 17.13
N VAL A 194 0.97 -0.53 17.62
CA VAL A 194 0.06 -1.64 17.86
C VAL A 194 -1.08 -1.20 18.79
N LYS A 195 -0.73 -0.55 19.89
CA LYS A 195 -1.75 -0.10 20.84
C LYS A 195 -2.69 0.91 20.22
N ASP A 196 -2.16 1.81 19.41
CA ASP A 196 -3.01 2.83 18.78
C ASP A 196 -4.03 2.19 17.85
N ALA A 197 -3.58 1.22 17.08
CA ALA A 197 -4.47 0.53 16.14
C ALA A 197 -5.51 -0.30 16.89
N TYR A 198 -5.06 -0.99 17.94
CA TYR A 198 -5.98 -1.74 18.79
C TYR A 198 -7.07 -0.82 19.35
N ASP A 199 -6.67 0.33 19.89
CA ASP A 199 -7.62 1.26 20.51
C ASP A 199 -8.72 1.69 19.53
N MET A 200 -8.32 1.98 18.30
CA MET A 200 -9.27 2.46 17.31
C MET A 200 -10.18 1.33 16.84
N ALA A 201 -9.62 0.13 16.68
CA ALA A 201 -10.41 -1.04 16.30
C ALA A 201 -11.40 -1.39 17.41
N LYS A 202 -10.95 -1.29 18.66
CA LYS A 202 -11.81 -1.55 19.80
C LYS A 202 -13.02 -0.62 19.83
N LEU A 203 -12.82 0.64 19.47
CA LEU A 203 -13.93 1.58 19.46
C LEU A 203 -15.02 1.06 18.53
N LEU A 204 -14.60 0.56 17.38
CA LEU A 204 -15.55 0.09 16.37
C LEU A 204 -16.20 -1.21 16.82
N CYS A 205 -15.40 -2.13 17.36
CA CYS A 205 -15.92 -3.40 17.82
C CYS A 205 -16.92 -3.21 18.95
N ASP A 206 -16.55 -2.39 19.92
CA ASP A 206 -17.48 -2.06 21.01
C ASP A 206 -18.78 -1.44 20.49
N LYS A 207 -18.70 -0.59 19.48
CA LYS A 207 -19.90 0.06 18.96
C LYS A 207 -20.90 -0.99 18.45
N TYR A 208 -20.41 -1.95 17.66
CA TYR A 208 -21.33 -2.93 17.05
C TYR A 208 -21.65 -4.14 17.91
N TYR A 209 -20.70 -4.58 18.72
CA TYR A 209 -20.89 -5.81 19.50
C TYR A 209 -20.98 -5.60 21.01
N MET A 210 -20.76 -4.36 21.45
CA MET A 210 -20.81 -4.04 22.89
C MET A 210 -19.78 -4.82 23.70
N ALA A 211 -18.76 -5.33 23.02
CA ALA A 211 -17.68 -6.08 23.66
C ALA A 211 -16.55 -6.19 22.68
N SER A 212 -15.34 -6.38 23.18
CA SER A 212 -14.21 -6.65 22.30
C SER A 212 -13.14 -7.44 23.05
N PRO A 213 -12.34 -8.22 22.32
CA PRO A 213 -11.26 -8.96 22.98
C PRO A 213 -10.22 -8.03 23.56
N ASP A 214 -9.60 -8.41 24.66
CA ASP A 214 -8.48 -7.65 25.21
C ASP A 214 -7.26 -7.82 24.34
N LEU A 215 -6.24 -7.00 24.59
CA LEU A 215 -4.97 -7.10 23.87
C LEU A 215 -3.85 -7.59 24.80
N GLU A 216 -3.00 -8.48 24.30
CA GLU A 216 -1.77 -8.83 25.02
C GLU A 216 -0.64 -8.63 24.05
N ILE A 217 0.39 -7.88 24.45
CA ILE A 217 1.57 -7.70 23.60
C ILE A 217 2.78 -8.30 24.28
N GLN A 218 3.56 -9.06 23.53
CA GLN A 218 4.83 -9.59 24.00
C GLN A 218 5.90 -9.16 23.00
N GLU A 219 7.03 -8.67 23.51
CA GLU A 219 8.15 -8.35 22.63
C GLU A 219 9.27 -9.34 22.82
N ILE A 220 9.93 -9.70 21.72
CA ILE A 220 11.11 -10.54 21.73
C ILE A 220 12.21 -9.77 21.01
N ASN A 221 13.09 -9.11 21.76
CA ASN A 221 14.20 -8.41 21.16
C ASN A 221 15.41 -9.33 21.23
N ALA A 222 15.64 -10.09 20.15
CA ALA A 222 16.56 -11.22 20.21
C ALA A 222 17.96 -10.82 20.71
N ALA A 223 18.50 -9.76 20.14
CA ALA A 223 19.86 -9.34 20.45
C ALA A 223 19.97 -8.50 21.74
N ASN A 224 18.87 -7.88 22.14
CA ASN A 224 18.86 -6.99 23.31
C ASN A 224 17.56 -7.12 24.09
N SER A 225 17.45 -8.19 24.88
CA SER A 225 16.16 -8.60 25.41
C SER A 225 15.46 -7.54 26.28
N LYS A 226 16.22 -6.63 26.88
CA LYS A 226 15.61 -5.62 27.71
C LYS A 226 15.01 -4.46 26.90
N GLN A 227 15.58 -4.21 25.71
CA GLN A 227 15.27 -3.00 24.97
C GLN A 227 13.94 -3.03 24.22
N PRO A 228 13.11 -2.00 24.44
CA PRO A 228 11.88 -1.80 23.66
C PRO A 228 12.20 -1.72 22.17
N ILE A 229 11.33 -2.29 21.35
CA ILE A 229 11.62 -2.42 19.92
C ILE A 229 11.22 -1.17 19.14
N HIS A 230 12.19 -0.56 18.47
CA HIS A 230 11.95 0.60 17.61
C HIS A 230 12.49 0.32 16.21
N MET A 231 12.03 1.10 15.23
CA MET A 231 12.52 0.97 13.87
C MET A 231 12.33 2.29 13.14
N VAL A 232 12.97 2.43 11.98
CA VAL A 232 12.68 3.54 11.10
C VAL A 232 11.52 3.10 10.21
N TYR A 233 10.39 3.80 10.28
CA TYR A 233 9.26 3.44 9.45
C TYR A 233 8.27 4.58 9.30
N VAL A 234 7.30 4.41 8.40
CA VAL A 234 6.22 5.36 8.26
C VAL A 234 5.07 4.89 9.15
N PRO A 235 4.88 5.53 10.32
CA PRO A 235 3.91 4.99 11.28
C PRO A 235 2.51 4.82 10.70
N SER A 236 2.09 5.76 9.85
CA SER A 236 0.75 5.69 9.27
C SER A 236 0.53 4.40 8.48
N HIS A 237 1.56 3.91 7.78
CA HIS A 237 1.45 2.67 7.03
C HIS A 237 1.31 1.49 7.98
N LEU A 238 2.12 1.49 9.03
CA LEU A 238 2.09 0.40 10.00
C LEU A 238 0.74 0.39 10.71
N TYR A 239 0.27 1.57 11.08
CA TYR A 239 -1.04 1.71 11.70
C TYR A 239 -2.14 1.12 10.78
N HIS A 240 -2.09 1.50 9.50
CA HIS A 240 -3.09 1.03 8.53
C HIS A 240 -3.17 -0.50 8.53
N MET A 241 -2.01 -1.15 8.43
CA MET A 241 -1.97 -2.61 8.38
C MET A 241 -2.51 -3.21 9.67
N LEU A 242 -2.05 -2.70 10.81
CA LEU A 242 -2.50 -3.25 12.10
C LEU A 242 -4.00 -3.04 12.34
N PHE A 243 -4.52 -1.89 11.94
CA PHE A 243 -5.93 -1.57 12.15
C PHE A 243 -6.77 -2.56 11.35
N GLU A 244 -6.39 -2.82 10.12
CA GLU A 244 -7.11 -3.78 9.30
C GLU A 244 -7.07 -5.18 9.94
N LEU A 245 -5.88 -5.58 10.40
CA LEU A 245 -5.76 -6.90 11.03
C LEU A 245 -6.57 -7.01 12.32
N PHE A 246 -6.55 -5.96 13.14
CA PHE A 246 -7.36 -6.00 14.36
C PHE A 246 -8.85 -6.08 14.04
N LYS A 247 -9.29 -5.35 13.03
CA LYS A 247 -10.71 -5.37 12.72
C LYS A 247 -11.15 -6.78 12.39
N ASN A 248 -10.34 -7.48 11.58
CA ASN A 248 -10.66 -8.85 11.22
C ASN A 248 -10.60 -9.79 12.43
N ALA A 249 -9.54 -9.67 13.22
CA ALA A 249 -9.38 -10.54 14.39
C ALA A 249 -10.50 -10.32 15.40
N MET A 250 -10.89 -9.06 15.61
CA MET A 250 -11.96 -8.78 16.56
C MET A 250 -13.30 -9.32 16.10
N ARG A 251 -13.63 -9.04 14.85
CA ARG A 251 -14.88 -9.52 14.28
C ARG A 251 -14.95 -11.04 14.37
N ALA A 252 -13.88 -11.72 13.99
CA ALA A 252 -13.87 -13.18 14.10
C ALA A 252 -14.11 -13.64 15.53
N THR A 253 -13.41 -13.00 16.47
CA THR A 253 -13.50 -13.43 17.86
C THR A 253 -14.93 -13.27 18.38
N VAL A 254 -15.53 -12.10 18.16
CA VAL A 254 -16.87 -11.90 18.69
C VAL A 254 -17.90 -12.78 17.99
N GLU A 255 -17.80 -12.88 16.67
CA GLU A 255 -18.80 -13.64 15.92
C GLU A 255 -18.75 -15.14 16.18
N SER A 256 -17.56 -15.65 16.47
CA SER A 256 -17.40 -17.06 16.83
C SER A 256 -17.69 -17.33 18.30
N HIS A 257 -18.05 -16.29 19.05
CA HIS A 257 -18.32 -16.47 20.47
C HIS A 257 -19.66 -15.86 20.88
N GLU A 258 -20.66 -16.01 20.01
CA GLU A 258 -21.97 -15.41 20.26
C GLU A 258 -22.51 -15.70 21.67
N SER A 259 -22.23 -16.89 22.18
CA SER A 259 -22.79 -17.32 23.47
C SER A 259 -21.96 -16.93 24.68
N SER A 260 -20.73 -16.49 24.45
CA SER A 260 -19.77 -16.27 25.53
C SER A 260 -19.76 -14.85 26.07
N LEU A 261 -19.54 -14.73 27.38
CA LEU A 261 -19.24 -13.44 27.98
C LEU A 261 -17.74 -13.26 28.05
N ILE A 262 -17.00 -14.37 28.03
CA ILE A 262 -15.55 -14.32 28.10
C ILE A 262 -15.00 -14.46 26.69
N LEU A 263 -14.24 -13.48 26.23
CA LEU A 263 -13.66 -13.54 24.88
C LEU A 263 -12.17 -13.80 24.98
N PRO A 264 -11.66 -14.71 24.15
CA PRO A 264 -10.21 -14.88 24.15
C PRO A 264 -9.51 -13.61 23.66
N PRO A 265 -8.37 -13.26 24.25
CA PRO A 265 -7.67 -12.03 23.85
C PRO A 265 -7.05 -12.17 22.48
N ILE A 266 -6.74 -11.04 21.86
CA ILE A 266 -5.88 -11.04 20.69
C ILE A 266 -4.44 -10.90 21.17
N LYS A 267 -3.58 -11.84 20.78
CA LYS A 267 -2.20 -11.81 21.24
C LYS A 267 -1.29 -11.31 20.14
N VAL A 268 -0.52 -10.27 20.43
CA VAL A 268 0.44 -9.77 19.44
C VAL A 268 1.86 -10.01 19.92
N MET A 269 2.68 -10.58 19.06
CA MET A 269 4.10 -10.70 19.34
CA MET A 269 4.10 -10.70 19.34
C MET A 269 4.87 -9.81 18.40
N VAL A 270 5.77 -9.01 18.95
CA VAL A 270 6.65 -8.19 18.14
C VAL A 270 8.06 -8.76 18.32
N ALA A 271 8.63 -9.32 17.25
CA ALA A 271 9.95 -9.92 17.32
C ALA A 271 10.95 -9.13 16.49
N LEU A 272 12.11 -8.85 17.07
CA LEU A 272 13.17 -8.18 16.35
C LEU A 272 14.34 -9.13 16.16
N GLY A 273 14.59 -9.51 14.91
CA GLY A 273 15.72 -10.38 14.61
C GLY A 273 16.83 -9.59 13.93
N GLU A 274 17.78 -10.30 13.34
CA GLU A 274 18.91 -9.66 12.68
C GLU A 274 18.48 -8.93 11.42
N GLU A 275 17.48 -9.49 10.74
CA GLU A 275 17.07 -8.99 9.43
C GLU A 275 15.61 -8.57 9.43
N ASP A 276 14.75 -9.30 10.16
CA ASP A 276 13.33 -9.01 10.17
C ASP A 276 12.85 -8.36 11.45
N LEU A 277 11.83 -7.53 11.30
CA LEU A 277 11.01 -7.12 12.45
C LEU A 277 9.65 -7.67 12.12
N SER A 278 9.20 -8.66 12.90
CA SER A 278 7.98 -9.39 12.56
C SER A 278 6.92 -9.14 13.61
N ILE A 279 5.67 -8.97 13.17
CA ILE A 279 4.58 -8.71 14.09
C ILE A 279 3.48 -9.72 13.83
N LYS A 280 3.25 -10.60 14.79
CA LYS A 280 2.21 -11.63 14.62
C LYS A 280 0.99 -11.30 15.46
N MET A 281 -0.19 -11.38 14.85
CA MET A 281 -1.44 -11.16 15.57
C MET A 281 -2.21 -12.47 15.58
N SER A 282 -2.45 -13.02 16.76
CA SER A 282 -3.03 -14.35 16.88
C SER A 282 -4.39 -14.23 17.55
N ASP A 283 -5.41 -14.83 16.94
CA ASP A 283 -6.74 -14.80 17.54
C ASP A 283 -7.32 -16.21 17.65
N ARG A 284 -8.36 -16.34 18.44
CA ARG A 284 -9.09 -17.61 18.56
C ARG A 284 -10.50 -17.41 18.05
N GLY A 285 -10.60 -16.82 16.85
CA GLY A 285 -11.87 -16.48 16.25
C GLY A 285 -12.48 -17.54 15.34
N GLY A 286 -12.01 -18.77 15.46
CA GLY A 286 -12.63 -19.89 14.77
C GLY A 286 -12.06 -20.19 13.39
N GLY A 287 -11.32 -19.23 12.85
CA GLY A 287 -10.59 -19.43 11.59
C GLY A 287 -11.42 -19.50 10.32
N VAL A 288 -10.74 -19.83 9.23
N VAL A 288 -10.74 -19.80 9.22
CA VAL A 288 -11.26 -19.87 7.86
CA VAL A 288 -11.37 -19.98 7.94
C VAL A 288 -10.63 -21.08 7.17
C VAL A 288 -10.68 -21.14 7.25
N PRO A 289 -11.41 -21.87 6.41
CA PRO A 289 -10.79 -23.00 5.72
C PRO A 289 -9.76 -22.49 4.70
N LEU A 290 -8.73 -23.29 4.45
CA LEU A 290 -7.64 -22.88 3.58
C LEU A 290 -8.15 -22.43 2.22
N ARG A 291 -9.14 -23.14 1.70
CA ARG A 291 -9.71 -22.86 0.37
C ARG A 291 -10.12 -21.41 0.22
N LYS A 292 -10.50 -20.78 1.32
CA LYS A 292 -11.04 -19.41 1.30
C LYS A 292 -10.01 -18.35 1.63
N ILE A 293 -8.78 -18.77 1.88
CA ILE A 293 -7.73 -17.81 2.24
C ILE A 293 -7.40 -16.87 1.07
N GLU A 294 -7.22 -17.44 -0.12
CA GLU A 294 -6.81 -16.64 -1.27
C GLU A 294 -7.82 -15.53 -1.56
N ARG A 295 -9.09 -15.84 -1.40
CA ARG A 295 -10.14 -14.85 -1.62
C ARG A 295 -10.03 -13.63 -0.74
N LEU A 296 -9.36 -13.76 0.41
CA LEU A 296 -9.22 -12.59 1.28
C LEU A 296 -8.33 -11.53 0.65
N PHE A 297 -7.48 -11.95 -0.27
CA PHE A 297 -6.57 -11.01 -0.93
C PHE A 297 -7.05 -10.65 -2.33
N SER A 298 -8.23 -11.16 -2.69
CA SER A 298 -8.78 -10.95 -4.03
C SER A 298 -9.54 -9.63 -4.16
N TYR A 299 -9.28 -8.90 -5.24
CA TYR A 299 -10.04 -7.67 -5.46
C TYR A 299 -11.42 -8.01 -5.99
N MET A 300 -11.55 -9.18 -6.60
CA MET A 300 -12.81 -9.57 -7.24
C MET A 300 -13.83 -10.00 -6.20
N TYR A 301 -13.43 -10.93 -5.34
CA TYR A 301 -14.32 -11.41 -4.29
C TYR A 301 -14.59 -10.30 -3.29
N SER A 302 -13.62 -9.39 -3.12
CA SER A 302 -13.77 -8.28 -2.18
C SER A 302 -14.55 -7.12 -2.78
N THR A 303 -15.08 -7.34 -3.98
CA THR A 303 -15.81 -6.30 -4.71
C THR A 303 -17.31 -6.62 -4.76
N GLY A 320 -13.93 -3.27 0.15
CA GLY A 320 -13.29 -4.16 1.11
C GLY A 320 -11.91 -4.60 0.66
N TYR A 321 -11.07 -3.63 0.29
CA TYR A 321 -9.71 -3.91 -0.17
C TYR A 321 -8.71 -3.81 0.97
N GLY A 322 -9.23 -3.81 2.20
CA GLY A 322 -8.42 -3.70 3.39
C GLY A 322 -7.22 -4.60 3.40
N LEU A 323 -7.41 -5.91 3.24
CA LEU A 323 -6.29 -6.83 3.34
C LEU A 323 -5.33 -6.74 2.17
N PRO A 324 -5.85 -6.75 0.93
CA PRO A 324 -4.83 -6.67 -0.14
C PRO A 324 -4.05 -5.37 -0.12
N ILE A 325 -4.68 -4.24 0.16
CA ILE A 325 -3.92 -2.99 0.23
C ILE A 325 -2.94 -3.01 1.43
N SER A 326 -3.39 -3.55 2.57
CA SER A 326 -2.46 -3.71 3.69
C SER A 326 -1.23 -4.51 3.33
N ARG A 327 -1.40 -5.59 2.57
CA ARG A 327 -0.27 -6.39 2.15
C ARG A 327 0.64 -5.59 1.22
N LEU A 328 0.06 -4.75 0.37
CA LEU A 328 0.91 -3.88 -0.46
C LEU A 328 1.74 -2.90 0.37
N TYR A 329 1.18 -2.34 1.43
CA TYR A 329 1.98 -1.46 2.30
C TYR A 329 3.17 -2.23 2.84
N ALA A 330 2.94 -3.48 3.26
CA ALA A 330 4.03 -4.31 3.79
C ALA A 330 5.09 -4.57 2.72
N LYS A 331 4.64 -4.90 1.50
CA LYS A 331 5.55 -5.21 0.41
C LYS A 331 6.33 -3.99 -0.08
N TYR A 332 5.79 -2.80 0.16
CA TYR A 332 6.35 -1.55 -0.38
C TYR A 332 7.80 -1.32 0.08
N PHE A 333 8.11 -1.65 1.32
CA PHE A 333 9.50 -1.57 1.76
C PHE A 333 10.15 -2.96 1.94
N GLN A 334 9.79 -3.89 1.06
CA GLN A 334 10.41 -5.22 0.99
C GLN A 334 9.95 -6.18 2.11
N GLY A 335 8.79 -5.90 2.69
CA GLY A 335 8.19 -6.79 3.68
C GLY A 335 7.06 -7.62 3.07
N ASP A 336 6.13 -8.10 3.89
CA ASP A 336 5.03 -8.93 3.42
C ASP A 336 4.00 -9.02 4.53
N LEU A 337 2.81 -9.49 4.20
CA LEU A 337 1.78 -9.69 5.19
C LEU A 337 1.15 -11.01 4.82
N GLN A 338 1.17 -11.97 5.76
CA GLN A 338 0.75 -13.33 5.45
C GLN A 338 -0.27 -13.80 6.48
N LEU A 339 -1.22 -14.62 6.04
CA LEU A 339 -2.27 -15.14 6.93
C LEU A 339 -2.18 -16.65 6.93
N PHE A 340 -2.34 -17.22 8.12
N PHE A 340 -2.26 -17.23 8.13
CA PHE A 340 -2.38 -18.66 8.27
CA PHE A 340 -2.43 -18.66 8.21
C PHE A 340 -3.45 -18.98 9.29
C PHE A 340 -3.43 -19.02 9.29
N SER A 341 -4.49 -19.69 8.86
CA SER A 341 -5.59 -19.99 9.74
C SER A 341 -5.60 -21.45 10.14
N MET A 342 -6.36 -21.76 11.18
CA MET A 342 -6.62 -23.12 11.59
CA MET A 342 -6.65 -23.13 11.51
C MET A 342 -8.13 -23.21 11.74
N GLU A 343 -8.82 -23.78 10.75
CA GLU A 343 -10.28 -23.81 10.80
C GLU A 343 -10.76 -24.54 12.04
N GLY A 344 -11.68 -23.90 12.78
CA GLY A 344 -12.17 -24.47 14.01
C GLY A 344 -11.48 -23.87 15.23
N PHE A 345 -10.38 -23.15 15.00
CA PHE A 345 -9.60 -22.58 16.11
C PHE A 345 -9.39 -21.07 16.04
N GLY A 346 -8.68 -20.59 15.02
CA GLY A 346 -8.41 -19.17 14.93
C GLY A 346 -7.39 -18.89 13.85
N THR A 347 -6.95 -17.64 13.80
CA THR A 347 -6.10 -17.21 12.70
C THR A 347 -4.89 -16.45 13.19
N ASP A 348 -3.74 -16.70 12.56
CA ASP A 348 -2.54 -15.89 12.77
C ASP A 348 -2.30 -15.02 11.55
N ALA A 349 -2.00 -13.75 11.78
CA ALA A 349 -1.58 -12.87 10.68
C ALA A 349 -0.19 -12.36 11.03
N VAL A 350 0.71 -12.32 10.06
CA VAL A 350 2.05 -11.84 10.36
C VAL A 350 2.45 -10.71 9.40
N ILE A 351 2.84 -9.58 9.96
CA ILE A 351 3.46 -8.51 9.16
C ILE A 351 4.97 -8.70 9.25
N TYR A 352 5.62 -8.88 8.10
CA TYR A 352 7.07 -8.95 8.04
C TYR A 352 7.61 -7.63 7.55
N LEU A 353 8.50 -7.01 8.32
CA LEU A 353 9.14 -5.77 7.91
C LEU A 353 10.63 -5.98 7.92
N LYS A 354 11.35 -5.16 7.15
CA LYS A 354 12.80 -5.18 7.28
C LYS A 354 13.19 -4.43 8.55
N ALA A 355 14.08 -5.02 9.33
CA ALA A 355 14.53 -4.38 10.57
C ALA A 355 15.44 -3.17 10.29
N LEU A 356 16.16 -3.19 9.17
CA LEU A 356 17.18 -2.16 8.90
C LEU A 356 16.75 -1.18 7.83
N SER A 357 17.01 0.11 8.04
CA SER A 357 16.60 1.13 7.08
C SER A 357 17.26 0.94 5.72
N THR A 358 18.47 0.38 5.72
CA THR A 358 19.20 0.13 4.48
C THR A 358 18.62 -1.00 3.65
N ASP A 359 17.92 -1.92 4.30
CA ASP A 359 17.23 -3.00 3.59
C ASP A 359 15.84 -2.58 3.15
N SER A 360 15.34 -1.48 3.71
CA SER A 360 13.99 -1.02 3.40
C SER A 360 13.99 -0.18 2.13
N VAL A 361 13.87 -0.85 0.99
CA VAL A 361 14.00 -0.20 -0.30
C VAL A 361 12.66 -0.28 -0.99
N GLU A 362 12.22 0.81 -1.62
CA GLU A 362 10.95 0.78 -2.33
C GLU A 362 10.84 -0.40 -3.29
N ARG A 363 9.69 -1.07 -3.28
CA ARG A 363 9.40 -2.08 -4.29
C ARG A 363 8.48 -1.48 -5.33
N LEU A 364 8.98 -1.30 -6.55
CA LEU A 364 8.24 -0.55 -7.56
C LEU A 364 8.03 -1.41 -8.79
N PRO A 365 6.79 -1.47 -9.28
CA PRO A 365 6.53 -2.17 -10.53
C PRO A 365 7.12 -1.38 -11.68
N VAL A 366 7.60 -2.07 -12.70
CA VAL A 366 8.18 -1.40 -13.84
C VAL A 366 7.52 -1.92 -15.10
N TYR A 367 7.21 -1.01 -16.02
CA TYR A 367 6.68 -1.39 -17.32
C TYR A 367 7.80 -1.85 -18.25
N ASN A 368 7.86 -3.16 -18.47
CA ASN A 368 8.80 -3.71 -19.42
C ASN A 368 8.27 -4.98 -20.06
N LYS A 369 9.10 -5.61 -20.88
CA LYS A 369 8.72 -6.81 -21.61
C LYS A 369 8.15 -7.88 -20.67
N SER A 370 8.82 -8.05 -19.53
CA SER A 370 8.38 -9.04 -18.53
C SER A 370 6.95 -8.74 -18.08
N ALA A 371 6.69 -7.48 -17.75
CA ALA A 371 5.35 -7.08 -17.32
C ALA A 371 4.34 -7.25 -18.45
N TRP A 372 4.70 -6.73 -19.62
CA TRP A 372 3.84 -6.86 -20.79
C TRP A 372 3.47 -8.33 -21.07
N ARG A 373 4.45 -9.21 -21.00
CA ARG A 373 4.25 -10.62 -21.29
C ARG A 373 3.28 -11.24 -20.29
N HIS A 374 3.40 -10.81 -19.03
CA HIS A 374 2.58 -11.37 -17.98
C HIS A 374 1.09 -11.18 -18.26
N TYR A 375 0.74 -10.10 -18.97
CA TYR A 375 -0.64 -9.87 -19.35
C TYR A 375 -1.08 -10.83 -20.45
N GLN A 376 -0.16 -11.12 -21.38
CA GLN A 376 -0.52 -11.87 -22.58
C GLN A 376 -0.92 -13.33 -22.30
N THR A 377 -2.12 -13.52 -21.76
CA THR A 377 -2.62 -14.86 -21.45
C THR A 377 -3.96 -15.13 -22.12
N ILE A 378 -4.37 -16.40 -22.11
CA ILE A 378 -5.65 -16.77 -22.72
C ILE A 378 -6.30 -18.00 -22.07
N GLN A 379 -7.57 -18.22 -22.42
CA GLN A 379 -8.37 -19.30 -21.87
C GLN A 379 -7.90 -20.67 -22.35
N GLU A 380 -7.77 -21.60 -21.42
CA GLU A 380 -7.28 -22.95 -21.71
C GLU A 380 -7.28 -23.82 -20.47
N ALA A 381 -7.22 -25.13 -20.66
CA ALA A 381 -7.12 -26.07 -19.54
C ALA A 381 -5.78 -25.96 -18.84
N GLY A 382 -5.81 -25.91 -17.51
CA GLY A 382 -4.60 -25.74 -16.71
C GLY A 382 -3.67 -26.94 -16.72
N ASP A 383 -2.53 -26.79 -16.06
CA ASP A 383 -1.49 -27.83 -16.05
C ASP A 383 -1.70 -28.89 -14.96
N TRP A 384 -2.83 -28.78 -14.26
CA TRP A 384 -3.19 -29.79 -13.27
C TRP A 384 -4.52 -30.44 -13.61
N CYS A 385 -4.69 -31.68 -13.16
CA CYS A 385 -5.87 -32.46 -13.49
C CYS A 385 -7.10 -32.10 -12.68
N VAL A 386 -8.26 -32.17 -13.32
CA VAL A 386 -9.54 -32.19 -12.64
C VAL A 386 -10.21 -33.52 -12.99
N PRO A 387 -11.01 -34.07 -12.05
CA PRO A 387 -11.69 -35.35 -12.31
C PRO A 387 -12.55 -35.29 -13.57
#